data_5KPT
#
_entry.id   5KPT
#
_cell.length_a   97.463
_cell.length_b   97.463
_cell.length_c   68.161
_cell.angle_alpha   90.00
_cell.angle_beta   90.00
_cell.angle_gamma   120.00
#
_symmetry.space_group_name_H-M   'P 31 2 1'
#
loop_
_entity.id
_entity.type
_entity.pdbx_description
1 polymer 'Pantothenate kinase 3'
2 non-polymer 'MAGNESIUM ION'
3 non-polymer 'PHOSPHOAMINOPHOSPHONIC ACID-ADENYLATE ESTER'
4 non-polymer 1,2-ETHANEDIOL
5 water water
#
_entity_poly.entity_id   1
_entity_poly.type   'polypeptide(L)'
_entity_poly.pdbx_seq_one_letter_code
;MGSSHHHHHHSSGLVPRGSPWFGMDIGGTLVKLSYFEPIDITAEEEQEEVESLKSIRKYLTSNVAYGSTGIRDVHLELKD
LTLFGRRGNLHFIRFPTQDLPTFIQMGRDKNFSTLQTVLCATGGGAYKFEKDFRTIGNLHLHKLDELDCLVKGLLYIDSV
SFNGQAECYYFANASEPERCQKMPFNLDDPYPLLVVNIGSGVSILAVHSKDNYKRVTGTSLGGGTFLGLCSLLTGCESFE
EALEMASKGDSTQADKLVRDIYGGDYERFGLPGWAVASSFGNMIYKEKRESVSKEDLARATLVTITNNIGSVARMCAVNE
KINRVVFVGNFLRVNTLSMKLLAYALDYWSKGQLKALFLEHEGYFGAVGALLGLPNFSDD
;
_entity_poly.pdbx_strand_id   A
#
# COMPACT_ATOMS: atom_id res chain seq x y z
N PRO A 20 1.78 15.76 -21.37
CA PRO A 20 2.24 15.04 -20.17
C PRO A 20 1.07 14.46 -19.38
N TRP A 21 0.88 13.14 -19.44
CA TRP A 21 -0.24 12.49 -18.79
C TRP A 21 0.11 11.90 -17.42
N PHE A 22 -0.44 12.51 -16.37
CA PHE A 22 -0.13 12.22 -14.98
C PHE A 22 -1.38 11.85 -14.18
N GLY A 23 -1.24 10.92 -13.25
CA GLY A 23 -2.26 10.70 -12.24
C GLY A 23 -1.52 10.81 -10.93
N MET A 24 -2.13 11.41 -9.91
CA MET A 24 -1.41 11.66 -8.67
C MET A 24 -2.26 11.35 -7.44
N ASP A 25 -1.72 10.53 -6.58
CA ASP A 25 -2.36 10.20 -5.33
C ASP A 25 -1.49 10.80 -4.24
N ILE A 26 -1.95 11.90 -3.66
CA ILE A 26 -1.23 12.56 -2.59
C ILE A 26 -1.79 12.15 -1.23
N GLY A 27 -1.08 11.24 -0.56
CA GLY A 27 -1.53 10.76 0.73
C GLY A 27 -0.96 11.54 1.91
N GLY A 28 -1.25 11.07 3.12
CA GLY A 28 -0.73 11.71 4.30
C GLY A 28 0.77 11.49 4.50
N THR A 29 1.33 10.48 3.84
CA THR A 29 2.76 10.19 4.02
C THR A 29 3.50 10.22 2.68
N LEU A 30 2.95 9.53 1.68
CA LEU A 30 3.58 9.45 0.35
C LEU A 30 2.75 10.02 -0.79
N VAL A 31 3.45 10.60 -1.76
CA VAL A 31 2.85 10.97 -3.03
C VAL A 31 3.13 9.86 -4.01
N LYS A 32 2.10 9.39 -4.69
CA LYS A 32 2.29 8.39 -5.72
C LYS A 32 1.93 9.00 -7.07
N LEU A 33 2.80 8.76 -8.04
CA LEU A 33 2.62 9.35 -9.34
C LEU A 33 2.67 8.25 -10.40
N SER A 34 1.62 8.16 -11.20
CA SER A 34 1.62 7.33 -12.39
C SER A 34 1.82 8.24 -13.60
N TYR A 35 2.74 7.85 -14.47
CA TYR A 35 3.07 8.61 -15.67
C TYR A 35 3.03 7.73 -16.90
N PHE A 36 2.24 8.12 -17.89
CA PHE A 36 2.18 7.43 -19.17
C PHE A 36 3.14 8.09 -20.17
N GLU A 37 4.12 7.33 -20.63
CA GLU A 37 5.06 7.80 -21.65
C GLU A 37 4.69 7.23 -23.00
N PRO A 38 4.35 8.10 -23.97
CA PRO A 38 4.06 7.58 -25.31
C PRO A 38 5.33 7.09 -25.97
N ILE A 39 5.27 5.95 -26.66
CA ILE A 39 6.44 5.44 -27.36
C ILE A 39 6.19 5.46 -28.86
N ASP A 40 4.96 5.79 -29.24
CA ASP A 40 4.60 5.82 -30.66
C ASP A 40 4.63 7.24 -31.24
N ILE A 41 5.68 7.98 -30.92
CA ILE A 41 5.81 9.36 -31.35
C ILE A 41 6.32 9.45 -32.77
N GLU A 48 8.84 17.38 -33.13
CA GLU A 48 8.63 18.82 -33.09
C GLU A 48 7.69 19.26 -31.97
N GLU A 49 8.04 18.91 -30.73
CA GLU A 49 7.29 19.37 -29.54
C GLU A 49 8.15 20.32 -28.72
N VAL A 50 7.58 20.90 -27.66
CA VAL A 50 8.27 21.94 -26.90
C VAL A 50 9.46 21.36 -26.14
N GLU A 51 10.52 22.15 -26.03
CA GLU A 51 11.77 21.69 -25.44
C GLU A 51 11.64 21.19 -24.00
N SER A 52 10.91 21.91 -23.17
CA SER A 52 10.81 21.53 -21.76
C SER A 52 9.88 20.32 -21.57
N LEU A 53 9.01 20.06 -22.54
CA LEU A 53 8.19 18.85 -22.50
C LEU A 53 9.08 17.66 -22.75
N LYS A 54 10.00 17.81 -23.69
CA LYS A 54 10.97 16.79 -23.99
C LYS A 54 11.88 16.58 -22.78
N SER A 55 12.23 17.67 -22.10
CA SER A 55 13.20 17.58 -21.01
C SER A 55 12.60 16.90 -19.78
N ILE A 56 11.30 17.04 -19.58
CA ILE A 56 10.63 16.34 -18.49
C ILE A 56 10.60 14.85 -18.78
N ARG A 57 10.11 14.49 -19.96
CA ARG A 57 10.11 13.10 -20.41
C ARG A 57 11.49 12.45 -20.25
N LYS A 58 12.52 13.14 -20.71
CA LYS A 58 13.88 12.64 -20.63
C LYS A 58 14.34 12.51 -19.17
N TYR A 59 13.97 13.50 -18.35
CA TYR A 59 14.35 13.49 -16.94
C TYR A 59 13.78 12.27 -16.25
N LEU A 60 12.54 11.95 -16.57
CA LEU A 60 11.80 10.89 -15.87
C LEU A 60 12.23 9.48 -16.30
N THR A 61 12.55 9.33 -17.58
CA THR A 61 12.91 8.02 -18.15
C THR A 61 14.40 7.67 -18.03
N SER A 62 15.25 8.67 -17.82
CA SER A 62 16.69 8.43 -17.73
C SER A 62 17.18 8.44 -16.28
N ASN A 63 16.29 8.78 -15.37
CA ASN A 63 16.61 8.75 -13.95
C ASN A 63 15.68 7.80 -13.21
N VAL A 64 16.23 7.13 -12.20
CA VAL A 64 15.40 6.30 -11.33
C VAL A 64 15.33 6.89 -9.92
N ALA A 65 16.24 7.81 -9.61
CA ALA A 65 16.16 8.60 -8.38
C ALA A 65 15.99 10.05 -8.73
N TYR A 66 15.02 10.70 -8.10
CA TYR A 66 14.75 12.10 -8.38
C TYR A 66 15.02 12.89 -7.11
N GLY A 67 16.01 13.80 -7.20
CA GLY A 67 16.46 14.51 -6.02
C GLY A 67 16.98 13.51 -5.00
N SER A 68 16.75 13.79 -3.73
CA SER A 68 17.23 12.90 -2.68
C SER A 68 16.15 11.96 -2.16
N THR A 69 14.90 12.17 -2.56
CA THR A 69 13.81 11.37 -2.01
C THR A 69 12.83 10.78 -3.03
N GLY A 70 13.01 11.11 -4.31
CA GLY A 70 12.14 10.59 -5.35
C GLY A 70 12.63 9.27 -5.89
N ILE A 71 11.71 8.34 -6.13
CA ILE A 71 12.05 7.02 -6.61
C ILE A 71 11.09 6.54 -7.71
N ARG A 72 11.63 6.07 -8.82
CA ARG A 72 10.80 5.39 -9.80
C ARG A 72 10.89 3.88 -9.57
N ASP A 73 9.73 3.24 -9.38
CA ASP A 73 9.68 1.79 -9.21
C ASP A 73 9.76 1.08 -10.58
N VAL A 74 10.97 0.89 -11.09
CA VAL A 74 11.14 0.43 -12.47
C VAL A 74 10.54 -0.97 -12.71
N HIS A 75 10.68 -1.86 -11.75
CA HIS A 75 10.16 -3.22 -11.89
C HIS A 75 8.64 -3.28 -12.05
N LEU A 76 7.95 -2.19 -11.69
CA LEU A 76 6.48 -2.16 -11.77
C LEU A 76 5.99 -1.62 -13.11
N GLU A 77 6.92 -1.16 -13.95
CA GLU A 77 6.56 -0.51 -15.21
C GLU A 77 5.70 -1.41 -16.10
N LEU A 78 4.60 -0.86 -16.62
CA LEU A 78 3.78 -1.53 -17.61
C LEU A 78 4.22 -1.09 -18.99
N LYS A 79 4.64 -2.03 -19.81
CA LYS A 79 5.20 -1.72 -21.13
C LYS A 79 4.22 -1.92 -22.28
N ASP A 80 4.28 -1.05 -23.28
CA ASP A 80 3.53 -1.21 -24.53
C ASP A 80 2.06 -1.32 -24.24
N LEU A 81 1.63 -0.57 -23.24
CA LEU A 81 0.24 -0.46 -22.89
C LEU A 81 -0.43 0.43 -23.91
N THR A 82 -1.65 0.10 -24.29
CA THR A 82 -2.39 0.99 -25.17
C THR A 82 -3.39 1.76 -24.31
N LEU A 83 -3.19 3.06 -24.21
CA LEU A 83 -4.07 3.90 -23.40
C LEU A 83 -4.49 5.15 -24.17
N PHE A 84 -5.79 5.46 -24.13
CA PHE A 84 -6.35 6.60 -24.83
C PHE A 84 -5.92 6.62 -26.30
N GLY A 85 -5.91 5.45 -26.92
CA GLY A 85 -5.56 5.35 -28.33
C GLY A 85 -4.10 5.63 -28.61
N ARG A 86 -3.27 5.59 -27.57
CA ARG A 86 -1.83 5.70 -27.73
C ARG A 86 -1.14 4.47 -27.17
N ARG A 87 -0.01 4.11 -27.77
CA ARG A 87 0.87 3.08 -27.24
C ARG A 87 1.89 3.74 -26.33
N GLY A 88 2.06 3.23 -25.12
CA GLY A 88 3.09 3.75 -24.25
C GLY A 88 3.48 2.88 -23.07
N ASN A 89 4.31 3.44 -22.20
CA ASN A 89 4.74 2.79 -20.98
C ASN A 89 4.15 3.52 -19.78
N LEU A 90 3.64 2.73 -18.84
CA LEU A 90 3.11 3.28 -17.59
C LEU A 90 4.17 3.15 -16.50
N HIS A 91 4.64 4.30 -16.01
CA HIS A 91 5.66 4.38 -14.97
C HIS A 91 5.06 4.69 -13.62
N PHE A 92 5.71 4.20 -12.56
CA PHE A 92 5.24 4.40 -11.19
C PHE A 92 6.31 5.02 -10.33
N ILE A 93 5.98 6.16 -9.72
CA ILE A 93 6.93 7.01 -9.02
C ILE A 93 6.38 7.41 -7.65
N ARG A 94 7.26 7.53 -6.65
CA ARG A 94 6.84 7.93 -5.31
C ARG A 94 7.86 8.84 -4.64
N PHE A 95 7.37 9.69 -3.75
CA PHE A 95 8.23 10.54 -2.93
C PHE A 95 7.39 10.96 -1.71
N PRO A 96 8.04 11.43 -0.63
CA PRO A 96 7.29 11.84 0.58
C PRO A 96 6.48 13.12 0.36
N THR A 97 5.27 13.12 0.91
CA THR A 97 4.38 14.27 0.86
C THR A 97 5.05 15.52 1.44
N GLN A 98 5.92 15.28 2.41
CA GLN A 98 6.74 16.34 3.01
C GLN A 98 7.57 17.09 1.95
N ASP A 99 7.87 16.40 0.85
CA ASP A 99 8.71 17.00 -0.19
C ASP A 99 7.90 17.50 -1.38
N LEU A 100 6.57 17.44 -1.29
CA LEU A 100 5.72 18.02 -2.33
C LEU A 100 6.05 19.51 -2.64
N PRO A 101 6.33 20.34 -1.61
CA PRO A 101 6.74 21.72 -1.91
C PRO A 101 7.91 21.84 -2.88
N THR A 102 8.87 20.92 -2.78
CA THR A 102 10.02 20.89 -3.66
C THR A 102 9.63 20.51 -5.09
N PHE A 103 8.71 19.55 -5.20
CA PHE A 103 8.17 19.09 -6.47
C PHE A 103 7.41 20.22 -7.17
N ILE A 104 6.71 21.01 -6.37
CA ILE A 104 5.94 22.14 -6.87
C ILE A 104 6.87 23.26 -7.30
N GLN A 105 7.89 23.53 -6.50
CA GLN A 105 8.91 24.51 -6.85
C GLN A 105 9.57 24.15 -8.18
N MET A 106 9.99 22.90 -8.31
CA MET A 106 10.54 22.39 -9.57
C MET A 106 9.56 22.65 -10.71
N GLY A 107 8.27 22.53 -10.39
CA GLY A 107 7.22 22.75 -11.37
C GLY A 107 7.14 24.18 -11.87
N ARG A 108 7.32 25.14 -10.95
CA ARG A 108 7.23 26.55 -11.31
C ARG A 108 8.44 27.06 -12.10
N ASP A 109 9.54 26.32 -12.08
CA ASP A 109 10.76 26.72 -12.81
C ASP A 109 10.67 26.35 -14.29
N LYS A 110 10.21 25.13 -14.57
CA LYS A 110 10.05 24.63 -15.93
C LYS A 110 8.89 25.31 -16.63
N THR A 117 -1.22 22.18 -18.83
CA THR A 117 -1.15 21.01 -17.98
C THR A 117 -2.43 20.82 -17.16
N VAL A 118 -3.02 19.64 -17.31
CA VAL A 118 -4.16 19.26 -16.49
C VAL A 118 -3.72 18.15 -15.56
N LEU A 119 -4.03 18.30 -14.28
CA LEU A 119 -3.55 17.35 -13.29
C LEU A 119 -4.69 16.66 -12.57
N CYS A 120 -4.81 15.36 -12.77
CA CYS A 120 -5.81 14.57 -12.06
C CYS A 120 -5.17 14.08 -10.76
N ALA A 121 -5.84 14.36 -9.66
CA ALA A 121 -5.25 14.12 -8.35
C ALA A 121 -6.32 13.68 -7.34
N THR A 122 -5.91 12.80 -6.44
CA THR A 122 -6.80 12.25 -5.46
C THR A 122 -5.98 12.05 -4.20
N GLY A 123 -6.59 11.51 -3.14
CA GLY A 123 -5.99 11.46 -1.82
C GLY A 123 -6.28 12.75 -1.08
N GLY A 124 -6.11 12.75 0.24
CA GLY A 124 -6.35 13.93 1.05
C GLY A 124 -5.63 15.19 0.61
N GLY A 125 -4.38 15.04 0.16
CA GLY A 125 -3.56 16.15 -0.29
C GLY A 125 -4.05 16.88 -1.54
N ALA A 126 -4.89 16.23 -2.32
CA ALA A 126 -5.55 16.86 -3.47
C ALA A 126 -6.35 18.10 -3.02
N TYR A 127 -6.95 18.00 -1.84
CA TYR A 127 -7.69 19.10 -1.23
C TYR A 127 -6.73 19.99 -0.44
N LYS A 128 -5.93 19.37 0.41
CA LYS A 128 -5.01 20.14 1.25
C LYS A 128 -4.07 21.04 0.44
N PHE A 129 -3.56 20.54 -0.68
CA PHE A 129 -2.55 21.30 -1.41
C PHE A 129 -3.10 21.91 -2.70
N GLU A 130 -4.43 22.01 -2.78
CA GLU A 130 -5.07 22.51 -3.99
C GLU A 130 -4.53 23.88 -4.42
N LYS A 131 -4.44 24.77 -3.45
CA LYS A 131 -4.02 26.14 -3.72
C LYS A 131 -2.55 26.16 -4.12
N ASP A 132 -1.80 25.20 -3.61
CA ASP A 132 -0.37 25.11 -3.90
C ASP A 132 -0.13 24.71 -5.36
N PHE A 133 -0.92 23.75 -5.85
CA PHE A 133 -0.84 23.37 -7.24
C PHE A 133 -1.20 24.51 -8.18
N ARG A 134 -2.09 25.40 -7.73
CA ARG A 134 -2.50 26.48 -8.61
C ARG A 134 -1.48 27.62 -8.70
N THR A 135 -0.41 27.56 -7.91
CA THR A 135 0.68 28.53 -8.08
C THR A 135 1.43 28.24 -9.39
N ILE A 136 1.14 27.10 -10.00
CA ILE A 136 1.68 26.78 -11.31
C ILE A 136 0.71 27.41 -12.30
N GLY A 137 1.12 28.52 -12.91
CA GLY A 137 0.27 29.26 -13.83
C GLY A 137 -0.54 28.41 -14.81
N ASN A 138 -1.85 28.66 -14.80
CA ASN A 138 -2.81 28.04 -15.71
C ASN A 138 -3.11 26.58 -15.41
N LEU A 139 -2.31 25.93 -14.57
CA LEU A 139 -2.50 24.51 -14.27
C LEU A 139 -3.90 24.27 -13.71
N HIS A 140 -4.60 23.29 -14.28
CA HIS A 140 -5.95 22.98 -13.82
C HIS A 140 -5.94 21.71 -12.98
N LEU A 141 -6.31 21.85 -11.72
CA LEU A 141 -6.32 20.72 -10.82
C LEU A 141 -7.71 20.10 -10.76
N HIS A 142 -7.78 18.82 -11.12
CA HIS A 142 -9.04 18.10 -10.99
C HIS A 142 -8.97 17.10 -9.84
N LYS A 143 -9.69 17.41 -8.77
CA LYS A 143 -9.78 16.53 -7.63
C LYS A 143 -10.75 15.38 -7.95
N LEU A 144 -10.32 14.15 -7.69
CA LEU A 144 -11.14 12.98 -8.00
C LEU A 144 -11.39 12.17 -6.73
N ASP A 145 -12.60 11.64 -6.62
CA ASP A 145 -12.99 10.85 -5.45
C ASP A 145 -12.01 9.69 -5.26
N GLU A 146 -11.47 9.58 -4.06
CA GLU A 146 -10.47 8.56 -3.71
C GLU A 146 -11.01 7.13 -3.90
N LEU A 147 -12.31 6.97 -3.70
CA LEU A 147 -12.97 5.68 -3.84
C LEU A 147 -13.01 5.25 -5.29
N ASP A 148 -13.54 6.13 -6.13
CA ASP A 148 -13.60 5.89 -7.56
C ASP A 148 -12.22 5.55 -8.12
N CYS A 149 -11.21 6.34 -7.73
CA CYS A 149 -9.86 6.20 -8.28
C CYS A 149 -9.23 4.86 -7.93
N LEU A 150 -9.28 4.51 -6.65
CA LEU A 150 -8.71 3.26 -6.17
C LEU A 150 -9.37 2.05 -6.86
N VAL A 151 -10.69 1.99 -6.88
CA VAL A 151 -11.36 0.84 -7.46
C VAL A 151 -11.11 0.77 -8.97
N LYS A 152 -11.27 1.90 -9.64
CA LYS A 152 -11.08 1.97 -11.09
C LYS A 152 -9.64 1.63 -11.47
N GLY A 153 -8.67 2.14 -10.71
CA GLY A 153 -7.27 1.84 -10.95
C GLY A 153 -6.94 0.38 -10.69
N LEU A 154 -7.56 -0.18 -9.67
CA LEU A 154 -7.36 -1.59 -9.33
C LEU A 154 -7.88 -2.47 -10.46
N LEU A 155 -9.13 -2.25 -10.83
CA LEU A 155 -9.75 -3.03 -11.88
C LEU A 155 -9.00 -2.94 -13.20
N TYR A 156 -8.57 -1.72 -13.54
CA TYR A 156 -7.82 -1.46 -14.77
C TYR A 156 -6.53 -2.26 -14.85
N ILE A 157 -5.69 -2.15 -13.82
CA ILE A 157 -4.41 -2.83 -13.80
C ILE A 157 -4.58 -4.35 -13.88
N ASP A 158 -5.60 -4.87 -13.20
CA ASP A 158 -5.80 -6.32 -13.21
C ASP A 158 -6.26 -6.77 -14.58
N SER A 159 -7.04 -5.93 -15.24
CA SER A 159 -7.56 -6.29 -16.54
C SER A 159 -6.49 -6.22 -17.65
N VAL A 160 -5.58 -5.25 -17.59
CA VAL A 160 -4.48 -5.20 -18.55
C VAL A 160 -3.34 -6.13 -18.18
N SER A 161 -3.35 -6.70 -16.97
CA SER A 161 -2.26 -7.60 -16.58
C SER A 161 -0.94 -6.87 -16.33
N PHE A 162 -0.04 -7.53 -15.62
CA PHE A 162 1.32 -7.07 -15.33
C PHE A 162 2.28 -7.63 -16.38
N ASN A 163 2.22 -7.06 -17.59
CA ASN A 163 3.01 -7.52 -18.75
C ASN A 163 2.86 -9.02 -18.95
N GLY A 164 1.62 -9.46 -19.07
CA GLY A 164 1.35 -10.87 -19.28
C GLY A 164 1.20 -11.71 -18.02
N GLN A 165 1.71 -11.23 -16.90
CA GLN A 165 1.57 -11.98 -15.65
C GLN A 165 0.51 -11.43 -14.71
N ALA A 166 0.16 -12.25 -13.73
CA ALA A 166 -0.89 -11.93 -12.78
C ALA A 166 -0.48 -10.73 -11.96
N GLU A 167 -1.37 -9.76 -11.89
CA GLU A 167 -1.23 -8.63 -10.99
C GLU A 167 -1.46 -9.07 -9.55
N CYS A 168 -2.40 -9.99 -9.36
CA CYS A 168 -2.84 -10.46 -8.03
C CYS A 168 -2.27 -11.85 -7.66
N TYR A 169 -1.93 -12.02 -6.39
CA TYR A 169 -1.32 -13.25 -5.91
C TYR A 169 -1.67 -13.50 -4.44
N TYR A 170 -1.58 -14.76 -4.02
CA TYR A 170 -1.82 -15.14 -2.62
C TYR A 170 -0.66 -16.01 -2.16
N PHE A 171 -0.65 -16.37 -0.88
CA PHE A 171 0.36 -17.30 -0.39
C PHE A 171 -0.26 -18.66 -0.12
N ALA A 172 0.02 -19.61 -1.01
CA ALA A 172 -0.50 -20.96 -0.89
C ALA A 172 0.01 -21.60 0.40
N ASN A 173 -0.84 -22.46 0.98
CA ASN A 173 -0.54 -23.13 2.25
C ASN A 173 0.03 -22.12 3.24
N ALA A 174 -0.73 -21.07 3.47
CA ALA A 174 -0.27 -19.92 4.26
C ALA A 174 0.16 -20.28 5.69
N SER A 175 -0.32 -21.41 6.20
CA SER A 175 0.00 -21.79 7.59
C SER A 175 1.30 -22.57 7.75
N GLU A 176 1.71 -23.27 6.72
CA GLU A 176 2.89 -24.12 6.79
C GLU A 176 4.08 -23.48 6.10
N PRO A 177 5.11 -23.06 6.87
CA PRO A 177 6.27 -22.35 6.30
C PRO A 177 7.01 -23.15 5.22
N GLU A 178 7.03 -24.47 5.36
CA GLU A 178 7.70 -25.33 4.38
C GLU A 178 7.01 -25.29 3.01
N ARG A 179 5.67 -25.28 3.02
CA ARG A 179 4.88 -25.26 1.79
C ARG A 179 4.42 -23.87 1.38
N CYS A 180 4.53 -22.90 2.27
CA CYS A 180 4.00 -21.56 2.01
C CYS A 180 4.79 -20.86 0.92
N GLN A 181 4.14 -20.62 -0.21
CA GLN A 181 4.78 -19.92 -1.31
C GLN A 181 3.83 -19.01 -2.10
N LYS A 182 4.38 -17.96 -2.67
CA LYS A 182 3.64 -17.00 -3.50
C LYS A 182 3.16 -17.62 -4.81
N MET A 183 1.89 -17.41 -5.14
CA MET A 183 1.29 -18.01 -6.33
C MET A 183 0.25 -17.04 -6.92
N PRO A 184 0.13 -17.01 -8.26
CA PRO A 184 -0.80 -16.08 -8.92
C PRO A 184 -2.25 -16.38 -8.54
N PHE A 185 -3.13 -15.39 -8.72
CA PHE A 185 -4.54 -15.53 -8.37
C PHE A 185 -5.38 -14.77 -9.36
N ASN A 186 -6.39 -15.42 -9.92
CA ASN A 186 -7.23 -14.84 -10.95
C ASN A 186 -8.35 -13.94 -10.43
N LEU A 187 -8.45 -12.73 -10.98
CA LEU A 187 -9.52 -11.80 -10.63
C LEU A 187 -10.38 -11.39 -11.83
N ASP A 188 -10.58 -12.29 -12.80
CA ASP A 188 -11.39 -11.94 -13.98
C ASP A 188 -12.81 -11.49 -13.61
N ASP A 189 -13.38 -12.11 -12.58
CA ASP A 189 -14.64 -11.61 -12.02
C ASP A 189 -14.37 -11.26 -10.57
N PRO A 190 -14.05 -9.99 -10.31
CA PRO A 190 -13.50 -9.55 -9.04
C PRO A 190 -14.55 -9.19 -7.98
N TYR A 191 -15.82 -9.49 -8.26
CA TYR A 191 -16.92 -9.16 -7.37
C TYR A 191 -17.54 -10.39 -6.72
N PRO A 192 -17.77 -10.34 -5.39
CA PRO A 192 -17.47 -9.17 -4.56
C PRO A 192 -16.03 -9.14 -4.08
N LEU A 193 -15.62 -8.00 -3.56
CA LEU A 193 -14.24 -7.81 -3.15
C LEU A 193 -14.14 -6.91 -1.92
N LEU A 194 -13.40 -7.36 -0.91
CA LEU A 194 -13.07 -6.50 0.21
C LEU A 194 -11.67 -5.96 0.03
N VAL A 195 -11.56 -4.65 -0.06
CA VAL A 195 -10.27 -4.01 -0.26
C VAL A 195 -9.83 -3.38 1.05
N VAL A 196 -8.66 -3.80 1.51
CA VAL A 196 -8.12 -3.27 2.74
C VAL A 196 -6.89 -2.42 2.42
N ASN A 197 -7.07 -1.10 2.53
CA ASN A 197 -6.06 -0.11 2.16
C ASN A 197 -5.25 0.34 3.38
N ILE A 198 -4.01 -0.14 3.48
CA ILE A 198 -3.18 0.18 4.63
C ILE A 198 -2.19 1.23 4.22
N GLY A 199 -2.49 2.47 4.58
CA GLY A 199 -1.56 3.57 4.40
C GLY A 199 -1.14 4.08 5.76
N SER A 200 -1.26 5.38 5.99
CA SER A 200 -1.09 5.97 7.31
C SER A 200 -2.00 5.29 8.33
N GLY A 201 -3.30 5.24 8.02
CA GLY A 201 -4.28 4.49 8.79
C GLY A 201 -4.77 3.28 7.98
N VAL A 202 -6.01 2.87 8.20
CA VAL A 202 -6.57 1.80 7.40
C VAL A 202 -7.98 2.16 6.92
N SER A 203 -8.20 2.02 5.62
CA SER A 203 -9.52 2.18 5.03
C SER A 203 -9.98 0.84 4.51
N ILE A 204 -11.24 0.51 4.72
CA ILE A 204 -11.77 -0.75 4.22
C ILE A 204 -12.97 -0.52 3.32
N LEU A 205 -12.89 -1.09 2.12
CA LEU A 205 -13.91 -0.95 1.09
C LEU A 205 -14.53 -2.29 0.75
N ALA A 206 -15.81 -2.25 0.42
CA ALA A 206 -16.51 -3.39 -0.11
C ALA A 206 -16.88 -3.09 -1.55
N VAL A 207 -16.42 -3.90 -2.50
CA VAL A 207 -16.73 -3.69 -3.90
C VAL A 207 -17.66 -4.78 -4.40
N HIS A 208 -18.90 -4.41 -4.68
CA HIS A 208 -19.92 -5.40 -5.06
C HIS A 208 -20.10 -5.52 -6.56
N SER A 209 -19.88 -4.43 -7.28
CA SER A 209 -19.97 -4.44 -8.74
C SER A 209 -19.27 -3.22 -9.32
N LYS A 210 -19.48 -2.96 -10.61
CA LYS A 210 -18.70 -1.93 -11.30
C LYS A 210 -18.98 -0.54 -10.75
N ASP A 211 -20.24 -0.26 -10.45
CA ASP A 211 -20.63 1.07 -10.00
C ASP A 211 -21.24 1.00 -8.59
N ASN A 212 -21.12 -0.16 -7.95
CA ASN A 212 -21.60 -0.34 -6.59
C ASN A 212 -20.49 -0.77 -5.63
N TYR A 213 -19.97 0.19 -4.89
CA TYR A 213 -18.94 -0.05 -3.89
C TYR A 213 -19.02 1.03 -2.82
N LYS A 214 -18.56 0.70 -1.61
CA LYS A 214 -18.69 1.61 -0.48
C LYS A 214 -17.53 1.48 0.50
N ARG A 215 -17.25 2.54 1.24
CA ARG A 215 -16.32 2.49 2.36
C ARG A 215 -17.06 1.87 3.55
N VAL A 216 -16.51 0.78 4.07
CA VAL A 216 -17.16 -0.01 5.11
C VAL A 216 -16.89 0.54 6.51
N THR A 217 -15.62 0.75 6.79
CA THR A 217 -15.16 1.30 8.05
C THR A 217 -13.70 1.66 7.87
N GLY A 218 -13.03 1.95 8.98
CA GLY A 218 -11.60 2.17 8.96
C GLY A 218 -11.05 2.15 10.36
N THR A 219 -9.75 1.87 10.49
CA THR A 219 -9.08 2.05 11.77
C THR A 219 -7.90 3.02 11.63
N SER A 220 -7.52 3.66 12.73
CA SER A 220 -6.36 4.55 12.71
C SER A 220 -5.05 3.83 13.05
N LEU A 221 -5.12 2.51 13.22
CA LEU A 221 -3.90 1.75 13.47
C LEU A 221 -3.38 1.13 12.19
N GLY A 222 -2.58 1.90 11.46
CA GLY A 222 -2.06 1.46 10.17
C GLY A 222 -0.57 1.61 10.11
N GLY A 223 -0.06 1.79 8.89
CA GLY A 223 1.37 1.90 8.67
C GLY A 223 2.05 3.05 9.37
N GLY A 224 1.32 4.13 9.63
CA GLY A 224 1.90 5.28 10.30
C GLY A 224 2.00 4.99 11.79
N THR A 225 1.17 4.08 12.27
CA THR A 225 1.28 3.61 13.65
C THR A 225 2.51 2.74 13.82
N PHE A 226 2.68 1.77 12.92
CA PHE A 226 3.90 0.96 12.93
C PHE A 226 5.15 1.83 12.84
N LEU A 227 5.17 2.77 11.91
CA LEU A 227 6.37 3.56 11.67
C LEU A 227 6.62 4.61 12.78
N GLY A 228 5.55 5.25 13.23
CA GLY A 228 5.60 6.17 14.36
C GLY A 228 6.08 5.51 15.66
N LEU A 229 5.43 4.42 16.07
CA LEU A 229 5.80 3.72 17.31
C LEU A 229 7.21 3.17 17.28
N CYS A 230 7.54 2.58 16.13
CA CYS A 230 8.82 1.96 15.92
C CYS A 230 9.94 2.99 15.99
N SER A 231 9.71 4.18 15.44
CA SER A 231 10.71 5.23 15.54
C SER A 231 10.93 5.67 16.98
N LEU A 232 9.84 5.82 17.72
CA LEU A 232 9.91 6.15 19.15
C LEU A 232 10.63 5.06 19.96
N LEU A 233 10.26 3.81 19.74
CA LEU A 233 10.80 2.69 20.52
C LEU A 233 12.24 2.32 20.16
N THR A 234 12.61 2.49 18.89
CA THR A 234 13.89 1.99 18.39
C THR A 234 14.85 3.06 17.89
N GLY A 235 14.34 4.25 17.60
CA GLY A 235 15.18 5.28 17.00
C GLY A 235 15.48 5.05 15.52
N CYS A 236 14.74 4.13 14.89
CA CYS A 236 14.91 3.90 13.46
C CYS A 236 14.51 5.17 12.70
N GLU A 237 15.12 5.41 11.56
CA GLU A 237 14.78 6.64 10.86
C GLU A 237 14.39 6.43 9.39
N SER A 238 14.04 5.19 9.04
CA SER A 238 13.28 4.93 7.83
C SER A 238 12.43 3.68 8.02
N PHE A 239 11.33 3.62 7.27
CA PHE A 239 10.55 2.41 7.09
C PHE A 239 11.42 1.20 6.81
N GLU A 240 12.35 1.30 5.86
CA GLU A 240 13.26 0.21 5.53
C GLU A 240 14.10 -0.25 6.73
N GLU A 241 14.68 0.70 7.46
CA GLU A 241 15.44 0.34 8.66
C GLU A 241 14.55 -0.35 9.74
N ALA A 242 13.30 0.06 9.86
CA ALA A 242 12.40 -0.56 10.82
C ALA A 242 12.13 -2.02 10.43
N LEU A 243 11.89 -2.25 9.14
CA LEU A 243 11.70 -3.61 8.62
C LEU A 243 12.95 -4.47 8.83
N GLU A 244 14.13 -3.90 8.60
CA GLU A 244 15.39 -4.61 8.78
C GLU A 244 15.59 -5.00 10.25
N MET A 245 15.32 -4.06 11.16
CA MET A 245 15.35 -4.39 12.59
C MET A 245 14.37 -5.51 12.94
N ALA A 246 13.11 -5.35 12.53
CA ALA A 246 12.08 -6.34 12.83
C ALA A 246 12.48 -7.73 12.37
N SER A 247 13.20 -7.82 11.26
CA SER A 247 13.57 -9.12 10.68
C SER A 247 14.56 -9.87 11.55
N LYS A 248 15.20 -9.15 12.47
CA LYS A 248 16.20 -9.78 13.34
C LYS A 248 15.69 -10.07 14.75
N GLY A 249 14.52 -9.53 15.09
CA GLY A 249 14.07 -9.53 16.47
C GLY A 249 13.20 -10.69 16.84
N ASP A 250 12.79 -10.74 18.11
CA ASP A 250 11.93 -11.79 18.63
C ASP A 250 10.77 -11.11 19.35
N SER A 251 9.59 -11.07 18.72
CA SER A 251 8.46 -10.34 19.30
C SER A 251 7.94 -10.96 20.62
N THR A 252 8.21 -12.24 20.83
CA THR A 252 7.78 -12.91 22.06
C THR A 252 8.48 -12.33 23.29
N GLN A 253 9.55 -11.56 23.06
CA GLN A 253 10.28 -10.90 24.14
C GLN A 253 9.51 -9.70 24.68
N ALA A 254 8.59 -9.18 23.86
CA ALA A 254 7.81 -8.03 24.30
C ALA A 254 6.35 -8.41 24.53
N ASP A 255 5.84 -9.35 23.73
CA ASP A 255 4.45 -9.79 23.82
C ASP A 255 4.23 -10.83 24.90
N LYS A 256 3.05 -10.76 25.53
CA LYS A 256 2.65 -11.82 26.45
C LYS A 256 1.77 -12.82 25.69
N LEU A 257 2.18 -14.09 25.72
CA LEU A 257 1.51 -15.16 25.00
C LEU A 257 0.45 -15.89 25.84
N VAL A 258 -0.39 -16.66 25.16
CA VAL A 258 -1.37 -17.51 25.84
C VAL A 258 -0.71 -18.41 26.89
N ARG A 259 0.42 -19.02 26.53
CA ARG A 259 1.14 -19.90 27.45
C ARG A 259 1.76 -19.15 28.64
N ASP A 260 1.96 -17.84 28.50
CA ASP A 260 2.45 -17.08 29.65
C ASP A 260 1.37 -16.96 30.70
N ILE A 261 0.12 -17.04 30.25
CA ILE A 261 -1.04 -16.81 31.12
C ILE A 261 -1.62 -18.11 31.60
N TYR A 262 -1.66 -19.09 30.70
CA TYR A 262 -2.27 -20.39 30.99
C TYR A 262 -1.25 -21.43 31.42
N GLY A 263 0.02 -21.24 31.05
CA GLY A 263 1.03 -22.25 31.23
C GLY A 263 1.17 -23.17 30.01
N GLY A 264 0.18 -23.11 29.11
CA GLY A 264 0.17 -23.94 27.91
C GLY A 264 -0.88 -23.50 26.90
N ASP A 265 -1.52 -24.47 26.26
CA ASP A 265 -2.57 -24.18 25.27
C ASP A 265 -3.93 -23.84 25.91
N GLY A 270 -10.26 -22.15 21.86
CA GLY A 270 -9.25 -22.82 21.04
C GLY A 270 -8.08 -21.93 20.67
N LEU A 271 -7.31 -21.51 21.67
CA LEU A 271 -6.11 -20.71 21.45
C LEU A 271 -4.84 -21.54 21.73
N PRO A 272 -3.91 -21.55 20.77
CA PRO A 272 -2.62 -22.21 21.00
C PRO A 272 -1.71 -21.37 21.89
N GLY A 273 -0.79 -22.02 22.60
CA GLY A 273 0.04 -21.34 23.58
C GLY A 273 0.94 -20.26 23.00
N TRP A 274 1.30 -20.40 21.73
CA TRP A 274 2.16 -19.42 21.10
C TRP A 274 1.40 -18.20 20.60
N ALA A 275 0.07 -18.24 20.63
CA ALA A 275 -0.68 -17.09 20.13
C ALA A 275 -0.51 -15.97 21.13
N VAL A 276 -0.51 -14.75 20.61
CA VAL A 276 -0.33 -13.56 21.42
C VAL A 276 -1.59 -13.29 22.23
N ALA A 277 -1.46 -13.16 23.54
CA ALA A 277 -2.61 -12.81 24.35
C ALA A 277 -2.67 -11.27 24.58
N SER A 278 -1.51 -10.66 24.76
CA SER A 278 -1.42 -9.23 25.02
C SER A 278 -0.21 -8.64 24.32
N SER A 279 -0.45 -7.79 23.34
CA SER A 279 0.66 -7.19 22.60
C SER A 279 1.41 -6.23 23.51
N PHE A 280 2.73 -6.35 23.53
CA PHE A 280 3.59 -5.60 24.45
C PHE A 280 3.23 -5.86 25.94
N GLY A 281 2.45 -6.89 26.21
CA GLY A 281 1.99 -7.15 27.56
C GLY A 281 3.11 -7.54 28.52
N ASN A 282 4.24 -8.02 28.00
CA ASN A 282 5.35 -8.37 28.88
C ASN A 282 6.21 -7.15 29.23
N MET A 283 5.98 -6.04 28.53
CA MET A 283 6.66 -4.79 28.83
C MET A 283 6.09 -4.06 30.07
N ILE A 284 5.08 -4.65 30.71
CA ILE A 284 4.65 -4.08 32.00
C ILE A 284 5.63 -4.47 33.11
N TYR A 285 6.59 -5.34 32.81
CA TYR A 285 7.57 -5.72 33.84
C TYR A 285 8.85 -4.98 33.58
N LYS A 286 9.31 -4.23 34.58
CA LYS A 286 10.47 -3.38 34.44
C LYS A 286 11.70 -4.16 33.99
N GLU A 287 11.86 -5.36 34.52
CA GLU A 287 13.02 -6.18 34.19
C GLU A 287 12.98 -6.65 32.73
N LYS A 288 11.77 -6.90 32.19
CA LYS A 288 11.70 -7.27 30.77
C LYS A 288 11.94 -6.08 29.83
N ARG A 289 11.43 -4.90 30.20
CA ARG A 289 11.73 -3.68 29.44
C ARG A 289 13.23 -3.39 29.33
N GLU A 290 14.01 -3.81 30.31
CA GLU A 290 15.44 -3.52 30.36
C GLU A 290 16.29 -4.55 29.68
N SER A 291 15.68 -5.67 29.28
CA SER A 291 16.43 -6.73 28.62
C SER A 291 16.06 -6.82 27.14
N VAL A 292 14.93 -6.20 26.78
CA VAL A 292 14.42 -6.27 25.42
C VAL A 292 15.27 -5.42 24.49
N SER A 293 15.44 -5.86 23.25
CA SER A 293 16.29 -5.14 22.31
C SER A 293 15.45 -4.30 21.33
N LYS A 294 16.11 -3.43 20.57
CA LYS A 294 15.41 -2.62 19.58
C LYS A 294 14.74 -3.49 18.50
N GLU A 295 15.42 -4.57 18.13
CA GLU A 295 14.91 -5.49 17.11
C GLU A 295 13.65 -6.21 17.59
N ASP A 296 13.67 -6.75 18.81
CA ASP A 296 12.45 -7.30 19.42
C ASP A 296 11.29 -6.32 19.36
N LEU A 297 11.57 -5.06 19.71
CA LEU A 297 10.52 -4.04 19.76
C LEU A 297 10.02 -3.67 18.37
N ALA A 298 10.92 -3.61 17.38
CA ALA A 298 10.48 -3.36 16.01
C ALA A 298 9.56 -4.48 15.57
N ARG A 299 9.98 -5.72 15.80
CA ARG A 299 9.18 -6.86 15.40
C ARG A 299 7.82 -6.89 16.09
N ALA A 300 7.81 -6.65 17.40
CA ALA A 300 6.55 -6.64 18.17
C ALA A 300 5.62 -5.54 17.67
N THR A 301 6.16 -4.37 17.31
CA THR A 301 5.33 -3.31 16.72
C THR A 301 4.70 -3.81 15.39
N LEU A 302 5.51 -4.45 14.56
CA LEU A 302 5.07 -4.94 13.27
C LEU A 302 3.99 -6.01 13.45
N VAL A 303 4.29 -7.02 14.26
CA VAL A 303 3.33 -8.09 14.56
C VAL A 303 2.01 -7.54 15.14
N THR A 304 2.12 -6.63 16.09
CA THR A 304 0.95 -6.01 16.70
C THR A 304 0.07 -5.30 15.68
N ILE A 305 0.66 -4.41 14.88
CA ILE A 305 -0.12 -3.65 13.92
C ILE A 305 -0.74 -4.61 12.86
N THR A 306 0.08 -5.51 12.33
CA THR A 306 -0.35 -6.40 11.28
C THR A 306 -1.49 -7.30 11.73
N ASN A 307 -1.29 -8.02 12.83
CA ASN A 307 -2.33 -8.90 13.35
C ASN A 307 -3.64 -8.18 13.70
N ASN A 308 -3.54 -6.98 14.25
CA ASN A 308 -4.75 -6.20 14.50
C ASN A 308 -5.48 -5.87 13.18
N ILE A 309 -4.72 -5.56 12.14
CA ILE A 309 -5.31 -5.30 10.83
C ILE A 309 -5.94 -6.57 10.24
N GLY A 310 -5.28 -7.72 10.35
CA GLY A 310 -5.89 -8.96 9.90
C GLY A 310 -7.23 -9.24 10.58
N SER A 311 -7.32 -8.86 11.85
CA SER A 311 -8.48 -9.21 12.67
C SER A 311 -9.65 -8.32 12.29
N VAL A 312 -9.36 -7.02 12.12
CA VAL A 312 -10.33 -6.08 11.59
C VAL A 312 -10.82 -6.51 10.21
N ALA A 313 -9.88 -6.85 9.32
CA ALA A 313 -10.21 -7.33 7.99
C ALA A 313 -11.15 -8.53 8.03
N ARG A 314 -10.83 -9.53 8.84
CA ARG A 314 -11.66 -10.73 8.97
C ARG A 314 -13.08 -10.35 9.43
N MET A 315 -13.16 -9.45 10.39
CA MET A 315 -14.46 -9.02 10.90
C MET A 315 -15.31 -8.27 9.87
N CYS A 316 -14.69 -7.45 9.02
CA CYS A 316 -15.46 -6.75 8.00
C CYS A 316 -15.91 -7.73 6.91
N ALA A 317 -15.07 -8.71 6.62
CA ALA A 317 -15.40 -9.70 5.60
C ALA A 317 -16.61 -10.51 6.01
N VAL A 318 -16.65 -10.95 7.27
CA VAL A 318 -17.83 -11.64 7.78
C VAL A 318 -19.06 -10.73 7.69
N ASN A 319 -18.92 -9.50 8.16
CA ASN A 319 -20.00 -8.52 8.09
C ASN A 319 -20.50 -8.31 6.66
N GLU A 320 -19.56 -8.20 5.73
CA GLU A 320 -19.91 -7.95 4.34
C GLU A 320 -20.21 -9.23 3.55
N LYS A 321 -20.03 -10.38 4.20
CA LYS A 321 -20.16 -11.68 3.52
C LYS A 321 -19.31 -11.75 2.26
N ILE A 322 -18.03 -11.41 2.38
CA ILE A 322 -17.09 -11.41 1.27
C ILE A 322 -15.89 -12.23 1.69
N ASN A 323 -15.44 -13.14 0.84
CA ASN A 323 -14.41 -14.06 1.28
C ASN A 323 -13.05 -13.81 0.63
N ARG A 324 -13.02 -12.91 -0.34
CA ARG A 324 -11.76 -12.50 -0.92
C ARG A 324 -11.41 -11.12 -0.39
N VAL A 325 -10.26 -11.05 0.27
CA VAL A 325 -9.81 -9.83 0.90
C VAL A 325 -8.50 -9.39 0.29
N VAL A 326 -8.52 -8.25 -0.37
CA VAL A 326 -7.33 -7.76 -1.03
C VAL A 326 -6.68 -6.62 -0.23
N PHE A 327 -5.36 -6.70 -0.05
CA PHE A 327 -4.60 -5.68 0.68
C PHE A 327 -3.83 -4.76 -0.27
N VAL A 328 -3.99 -3.45 -0.08
CA VAL A 328 -3.25 -2.45 -0.86
C VAL A 328 -2.65 -1.41 0.09
N GLY A 329 -2.02 -0.38 -0.48
CA GLY A 329 -1.37 0.64 0.31
C GLY A 329 0.11 0.34 0.29
N ASN A 330 0.94 1.07 1.03
CA ASN A 330 2.38 0.85 0.97
C ASN A 330 2.97 0.26 2.24
N PHE A 331 2.15 0.04 3.27
CA PHE A 331 2.62 -0.65 4.47
C PHE A 331 3.25 -2.00 4.14
N LEU A 332 2.72 -2.65 3.09
CA LEU A 332 3.19 -3.98 2.69
C LEU A 332 4.33 -3.98 1.65
N ARG A 333 4.76 -2.83 1.14
CA ARG A 333 5.86 -2.86 0.17
C ARG A 333 7.15 -3.31 0.87
N VAL A 334 7.91 -4.14 0.15
CA VAL A 334 9.11 -4.86 0.61
C VAL A 334 8.95 -5.37 2.03
N ASN A 335 7.74 -5.80 2.34
CA ASN A 335 7.34 -6.28 3.66
C ASN A 335 6.69 -7.66 3.58
N THR A 336 7.51 -8.67 3.34
CA THR A 336 7.04 -10.05 3.23
C THR A 336 6.50 -10.56 4.55
N LEU A 337 7.14 -10.15 5.64
CA LEU A 337 6.69 -10.57 6.95
C LEU A 337 5.20 -10.23 7.19
N SER A 338 4.82 -8.97 7.01
CA SER A 338 3.43 -8.60 7.20
C SER A 338 2.49 -9.33 6.25
N MET A 339 2.94 -9.56 5.02
CA MET A 339 2.09 -10.27 4.06
C MET A 339 1.79 -11.70 4.51
N LYS A 340 2.82 -12.43 4.97
CA LYS A 340 2.64 -13.80 5.46
C LYS A 340 1.77 -13.84 6.73
N LEU A 341 1.96 -12.86 7.62
CA LEU A 341 1.17 -12.76 8.85
C LEU A 341 -0.32 -12.65 8.55
N LEU A 342 -0.67 -11.71 7.66
CA LEU A 342 -2.04 -11.56 7.15
C LEU A 342 -2.58 -12.83 6.49
N ALA A 343 -1.77 -13.43 5.62
CA ALA A 343 -2.19 -14.64 4.92
C ALA A 343 -2.47 -15.77 5.92
N TYR A 344 -1.58 -15.91 6.90
CA TYR A 344 -1.73 -16.95 7.90
C TYR A 344 -2.95 -16.68 8.76
N ALA A 345 -3.12 -15.43 9.16
CA ALA A 345 -4.18 -15.09 10.11
C ALA A 345 -5.56 -15.24 9.48
N LEU A 346 -5.75 -14.70 8.28
CA LEU A 346 -7.02 -14.87 7.61
C LEU A 346 -7.32 -16.36 7.38
N ASP A 347 -6.30 -17.12 6.97
CA ASP A 347 -6.50 -18.54 6.70
C ASP A 347 -6.79 -19.35 7.98
N TYR A 348 -6.01 -19.12 9.02
CA TYR A 348 -6.21 -19.84 10.28
C TYR A 348 -7.58 -19.55 10.92
N TRP A 349 -7.81 -18.28 11.24
N TRP A 349 -7.85 -18.29 11.22
CA TRP A 349 -9.03 -17.85 11.91
CA TRP A 349 -9.05 -17.95 11.97
C TRP A 349 -10.29 -18.25 11.16
C TRP A 349 -10.34 -18.05 11.14
N SER A 350 -10.22 -18.29 9.83
CA SER A 350 -11.41 -18.52 9.00
C SER A 350 -11.57 -19.97 8.57
N LYS A 351 -10.62 -20.82 8.99
CA LYS A 351 -10.61 -22.22 8.60
C LYS A 351 -10.55 -22.40 7.07
N GLY A 352 -10.00 -21.42 6.37
CA GLY A 352 -9.82 -21.53 4.94
C GLY A 352 -10.85 -20.79 4.13
N GLN A 353 -11.89 -20.26 4.78
CA GLN A 353 -12.94 -19.58 4.04
C GLN A 353 -12.53 -18.19 3.58
N LEU A 354 -11.61 -17.56 4.29
CA LEU A 354 -11.12 -16.26 3.87
C LEU A 354 -9.76 -16.39 3.24
N LYS A 355 -9.58 -15.72 2.10
CA LYS A 355 -8.32 -15.71 1.41
C LYS A 355 -7.71 -14.32 1.39
N ALA A 356 -6.50 -14.19 1.94
CA ALA A 356 -5.71 -12.97 1.79
C ALA A 356 -5.11 -12.84 0.39
N LEU A 357 -5.42 -11.75 -0.30
CA LEU A 357 -4.84 -11.48 -1.63
C LEU A 357 -3.95 -10.23 -1.64
N PHE A 358 -2.95 -10.23 -2.51
CA PHE A 358 -2.03 -9.10 -2.60
C PHE A 358 -1.85 -8.70 -4.07
N LEU A 359 -1.34 -7.50 -4.28
CA LEU A 359 -1.26 -6.91 -5.59
C LEU A 359 0.10 -6.28 -5.82
N GLU A 360 0.72 -6.62 -6.95
CA GLU A 360 2.05 -6.11 -7.29
C GLU A 360 2.11 -4.59 -7.27
N HIS A 361 1.04 -3.95 -7.75
CA HIS A 361 0.98 -2.49 -7.79
C HIS A 361 0.21 -1.88 -6.63
N GLU A 362 0.22 -2.57 -5.49
CA GLU A 362 -0.63 -2.20 -4.33
C GLU A 362 -0.61 -0.73 -3.86
N GLY A 363 0.49 -0.02 -4.06
CA GLY A 363 0.56 1.36 -3.58
C GLY A 363 0.03 2.39 -4.55
N TYR A 364 -0.21 1.98 -5.80
CA TYR A 364 -0.39 2.94 -6.89
C TYR A 364 -1.76 3.04 -7.54
N PHE A 365 -2.76 2.36 -7.01
CA PHE A 365 -4.04 2.29 -7.71
C PHE A 365 -4.81 3.61 -7.75
N GLY A 366 -4.67 4.44 -6.71
CA GLY A 366 -5.30 5.75 -6.71
C GLY A 366 -4.71 6.63 -7.80
N ALA A 367 -3.38 6.65 -7.84
CA ALA A 367 -2.66 7.43 -8.84
C ALA A 367 -3.13 7.03 -10.23
N VAL A 368 -3.26 5.72 -10.44
CA VAL A 368 -3.68 5.19 -11.73
C VAL A 368 -5.14 5.55 -12.04
N GLY A 369 -6.06 5.31 -11.11
CA GLY A 369 -7.45 5.68 -11.37
C GLY A 369 -7.63 7.18 -11.64
N ALA A 370 -6.85 8.03 -10.96
CA ALA A 370 -6.82 9.46 -11.27
C ALA A 370 -6.42 9.71 -12.73
N LEU A 371 -5.33 9.09 -13.16
CA LEU A 371 -4.87 9.21 -14.55
C LEU A 371 -5.99 8.85 -15.52
N LEU A 372 -6.75 7.82 -15.18
CA LEU A 372 -7.82 7.32 -16.05
C LEU A 372 -9.03 8.23 -16.12
N GLY A 373 -9.15 9.15 -15.16
CA GLY A 373 -10.24 10.11 -15.14
C GLY A 373 -10.00 11.29 -16.07
N LEU A 374 -8.82 11.32 -16.69
CA LEU A 374 -8.41 12.39 -17.59
C LEU A 374 -9.34 12.67 -18.80
N PRO A 375 -9.79 11.63 -19.52
CA PRO A 375 -10.70 11.85 -20.66
C PRO A 375 -11.96 12.65 -20.34
N ASN A 376 -12.50 12.49 -19.13
CA ASN A 376 -13.72 13.15 -18.73
C ASN A 376 -13.61 14.68 -18.82
N PHE A 377 -12.40 15.19 -18.57
CA PHE A 377 -12.11 16.61 -18.70
C PHE A 377 -11.44 16.89 -20.05
#